data_5E0F
#
_entry.id   5E0F
#
_cell.length_a   52.320
_cell.length_b   73.190
_cell.length_c   133.740
_cell.angle_alpha   90.00
_cell.angle_beta   90.00
_cell.angle_gamma   90.00
#
_symmetry.space_group_name_H-M   'P 21 21 21'
#
loop_
_entity.id
_entity.type
_entity.pdbx_description
1 polymer 'Pancreatic alpha-amylase'
2 non-polymer '5,7-dihydroxy-4-oxo-2-(3,4,5-trihydroxyphenyl)-4H-chromen-3-yl 6-deoxy-2-O-{6-O-[(2E)-3-(3,4-dihydroxyphenyl)prop-2-enoyl]-beta-D-glucopyranosyl}-alpha-L-mannopyranoside'
3 non-polymer 'CALCIUM ION'
4 non-polymer 'CHLORIDE ION'
5 water water
#
_entity_poly.entity_id   1
_entity_poly.type   'polypeptide(L)'
_entity_poly.pdbx_seq_one_letter_code
;(PCA)YSPNTQQGRTSIVHLFEWRWVDIALECERYLAPKGFGGVQVSPPNENVAIYNPFRPWWERYQPVSYKLCTRSGNE
DEFRNMVTRCNNVGVRIYVDAVINHMCGNAVSAGTSSTCGSYFNPGSRDFPAVPYSGWDFNDGKCKTGSGDIENYNDATQ
VRDCRLTGLLDLALEKDYVRSKIAEYMNHLIDIGVAGFRLDASKHMWPGDIKAILDKLHNLNSNWFPAGSKPFIYQEVID
LGGEPIKSSDYFGNGRVTEFKYGAKLGTVIRKWNGEKMSYLKNWGEGWGFVPSDRALVFVDNHDNQRGHGAGGASILTFW
DARLYKMAVGFMLAHPYGFTRVMSSYRWPRQFQNGNDVNDWVGPPNNNGVIKEVTINPDTTCGNDWVCEHRWRQIRNMVI
FRNVVDGQPFTNWYDNGSNQVAFGRGNRGFIVFNNDDWSFSLTLQTGLPAGTYCDVISGDKINGNCTGIKIYVSDDGKAH
FSISNSAEDPFIAIHAESKL
;
_entity_poly.pdbx_strand_id   A
#
loop_
_chem_comp.id
_chem_comp.type
_chem_comp.name
_chem_comp.formula
5J7 non-polymer '5,7-dihydroxy-4-oxo-2-(3,4,5-trihydroxyphenyl)-4H-chromen-3-yl 6-deoxy-2-O-{6-O-[(2E)-3-(3,4-dihydroxyphenyl)prop-2-enoyl]-beta-D-glucopyranosyl}-alpha-L-mannopyranoside' 'C36 H36 O20'
CA non-polymer 'CALCIUM ION' 'Ca 2'
CL non-polymer 'CHLORIDE ION' 'Cl -1'
#
# COMPACT_ATOMS: atom_id res chain seq x y z
N PCA A 1 14.27 -7.34 -9.16
CA PCA A 1 12.83 -7.12 -8.86
CB PCA A 1 12.11 -8.45 -8.99
CG PCA A 1 13.16 -9.52 -8.85
CD PCA A 1 14.42 -8.77 -9.17
OE PCA A 1 15.51 -9.33 -9.43
C PCA A 1 12.64 -6.55 -7.45
O PCA A 1 11.54 -6.17 -7.10
H PCA A 1 14.69 -6.55 -9.23
HA PCA A 1 12.46 -6.49 -9.51
HB2 PCA A 1 11.41 -8.52 -8.30
HB3 PCA A 1 11.68 -8.51 -9.87
HG2 PCA A 1 13.18 -9.90 -7.94
HG3 PCA A 1 13.03 -10.24 -9.50
N TYR A 2 13.70 -6.49 -6.65
CA TYR A 2 13.57 -6.18 -5.23
C TYR A 2 13.69 -4.70 -4.90
N SER A 3 14.28 -3.95 -5.81
CA SER A 3 14.54 -2.52 -5.63
CA SER A 3 14.52 -2.52 -5.63
C SER A 3 13.34 -1.70 -6.12
N PRO A 4 12.91 -0.71 -5.34
CA PRO A 4 11.76 0.07 -5.79
C PRO A 4 11.98 1.01 -6.98
N ASN A 5 13.23 1.30 -7.30
CA ASN A 5 13.55 2.22 -8.39
C ASN A 5 13.03 3.61 -8.16
N THR A 6 12.84 3.97 -6.90
CA THR A 6 12.56 5.37 -6.57
C THR A 6 13.82 6.20 -6.77
N GLN A 7 13.62 7.51 -6.87
CA GLN A 7 14.72 8.47 -6.86
C GLN A 7 15.46 8.32 -5.53
N GLN A 8 16.77 8.50 -5.57
CA GLN A 8 17.56 8.45 -4.35
C GLN A 8 16.96 9.40 -3.32
N GLY A 9 16.82 8.91 -2.11
CA GLY A 9 16.35 9.74 -1.01
C GLY A 9 14.86 9.65 -0.77
N ARG A 10 14.15 8.92 -1.62
CA ARG A 10 12.71 8.73 -1.46
C ARG A 10 12.40 7.29 -1.12
N THR A 11 11.63 7.07 -0.06
CA THR A 11 11.59 5.76 0.60
C THR A 11 10.17 5.18 0.85
N SER A 12 9.12 5.83 0.33
CA SER A 12 7.76 5.32 0.48
C SER A 12 6.98 5.43 -0.81
N ILE A 13 5.95 4.58 -0.94
CA ILE A 13 4.91 4.80 -1.94
C ILE A 13 3.57 5.02 -1.28
N VAL A 14 2.66 5.67 -1.99
CA VAL A 14 1.32 5.90 -1.49
C VAL A 14 0.34 5.26 -2.44
N HIS A 15 -0.65 4.56 -1.90
CA HIS A 15 -1.73 4.00 -2.69
C HIS A 15 -2.80 5.07 -2.89
N LEU A 16 -2.89 5.64 -4.08
CA LEU A 16 -3.95 6.62 -4.37
C LEU A 16 -5.14 5.88 -4.95
N PHE A 17 -5.84 5.23 -4.03
CA PHE A 17 -6.86 4.24 -4.33
C PHE A 17 -8.06 4.88 -5.05
N GLU A 18 -8.30 4.39 -6.27
CA GLU A 18 -9.42 4.82 -7.13
C GLU A 18 -9.28 6.24 -7.65
N TRP A 19 -8.12 6.86 -7.48
CA TRP A 19 -7.89 8.19 -8.03
C TRP A 19 -7.88 8.16 -9.56
N ARG A 20 -8.34 9.26 -10.16
CA ARG A 20 -8.24 9.48 -11.60
C ARG A 20 -6.81 9.83 -11.98
N TRP A 21 -6.42 9.45 -13.20
CA TRP A 21 -5.06 9.71 -13.68
C TRP A 21 -4.73 11.21 -13.70
N VAL A 22 -5.65 12.06 -14.14
CA VAL A 22 -5.36 13.49 -14.17
C VAL A 22 -5.13 14.06 -12.75
N ASP A 23 -5.82 13.51 -11.74
CA ASP A 23 -5.63 14.00 -10.38
C ASP A 23 -4.29 13.49 -9.81
N ILE A 24 -3.90 12.27 -10.17
CA ILE A 24 -2.60 11.75 -9.73
C ILE A 24 -1.46 12.57 -10.35
N ALA A 25 -1.61 12.90 -11.63
CA ALA A 25 -0.60 13.68 -12.34
C ALA A 25 -0.38 15.02 -11.63
N LEU A 26 -1.48 15.69 -11.27
CA LEU A 26 -1.40 16.98 -10.59
C LEU A 26 -0.82 16.79 -9.21
N GLU A 27 -1.25 15.72 -8.54
CA GLU A 27 -0.74 15.44 -7.21
C GLU A 27 0.77 15.19 -7.19
N CYS A 28 1.30 14.48 -8.19
CA CYS A 28 2.74 14.33 -8.30
C CYS A 28 3.47 15.67 -8.32
N GLU A 29 2.94 16.60 -9.11
CA GLU A 29 3.60 17.88 -9.31
C GLU A 29 3.44 18.82 -8.11
N ARG A 30 2.22 18.91 -7.57
CA ARG A 30 1.93 19.92 -6.54
C ARG A 30 2.26 19.45 -5.13
N TYR A 31 2.42 18.15 -4.94
CA TYR A 31 2.54 17.59 -3.58
C TYR A 31 3.56 16.48 -3.42
N LEU A 32 3.41 15.41 -4.18
CA LEU A 32 4.27 14.23 -3.97
C LEU A 32 5.73 14.53 -4.20
N ALA A 33 6.04 15.27 -5.25
CA ALA A 33 7.44 15.58 -5.50
C ALA A 33 8.03 16.47 -4.42
N PRO A 34 7.40 17.63 -4.12
CA PRO A 34 8.01 18.50 -3.11
C PRO A 34 8.02 17.91 -1.70
N LYS A 35 7.11 17.00 -1.40
CA LYS A 35 7.05 16.39 -0.07
C LYS A 35 7.82 15.07 0.03
N GLY A 36 8.56 14.70 -1.01
CA GLY A 36 9.49 13.60 -0.92
C GLY A 36 8.91 12.20 -1.05
N PHE A 37 7.71 12.08 -1.58
CA PHE A 37 7.13 10.76 -1.81
C PHE A 37 7.84 10.03 -2.96
N GLY A 38 8.07 8.74 -2.80
CA GLY A 38 8.79 7.99 -3.81
C GLY A 38 7.94 7.58 -5.00
N GLY A 39 6.67 7.29 -4.79
CA GLY A 39 5.84 6.88 -5.90
C GLY A 39 4.43 6.58 -5.48
N VAL A 40 3.66 6.13 -6.46
CA VAL A 40 2.23 5.94 -6.31
C VAL A 40 1.85 4.56 -6.79
N GLN A 41 1.11 3.80 -5.99
CA GLN A 41 0.40 2.61 -6.46
C GLN A 41 -0.95 3.06 -7.00
N VAL A 42 -1.19 2.79 -8.29
CA VAL A 42 -2.45 3.14 -8.93
C VAL A 42 -3.39 1.95 -8.93
N SER A 43 -4.69 2.23 -9.00
CA SER A 43 -5.67 1.17 -9.18
C SER A 43 -5.47 0.53 -10.54
N PRO A 44 -6.01 -0.68 -10.74
CA PRO A 44 -5.77 -1.38 -12.00
C PRO A 44 -6.10 -0.52 -13.21
N PRO A 45 -5.15 -0.36 -14.16
CA PRO A 45 -5.38 0.58 -15.26
C PRO A 45 -6.00 -0.06 -16.50
N ASN A 46 -6.27 -1.36 -16.44
CA ASN A 46 -6.84 -2.11 -17.55
C ASN A 46 -8.36 -2.21 -17.46
N GLU A 47 -9.00 -2.33 -18.62
CA GLU A 47 -10.45 -2.39 -18.68
C GLU A 47 -11.02 -3.50 -17.82
N ASN A 48 -12.07 -3.14 -17.08
CA ASN A 48 -12.78 -4.06 -16.20
C ASN A 48 -14.28 -4.10 -16.45
N VAL A 49 -14.96 -5.05 -15.80
CA VAL A 49 -16.42 -5.12 -15.85
C VAL A 49 -17.02 -3.91 -15.14
N ALA A 50 -17.96 -3.25 -15.82
CA ALA A 50 -18.80 -2.25 -15.18
C ALA A 50 -19.94 -3.01 -14.51
N ILE A 51 -19.87 -3.06 -13.18
CA ILE A 51 -20.82 -3.80 -12.36
C ILE A 51 -21.83 -2.79 -11.81
N TYR A 52 -23.11 -3.05 -12.09
CA TYR A 52 -24.15 -2.10 -11.72
C TYR A 52 -25.05 -2.60 -10.60
N ASN A 53 -24.88 -3.86 -10.21
CA ASN A 53 -25.45 -4.35 -8.97
C ASN A 53 -24.37 -5.08 -8.17
N PRO A 54 -23.89 -4.44 -7.10
CA PRO A 54 -24.25 -3.11 -6.63
C PRO A 54 -23.63 -2.04 -7.52
N PHE A 55 -23.83 -0.78 -7.21
CA PHE A 55 -23.53 0.29 -8.14
C PHE A 55 -22.04 0.68 -8.14
N ARG A 56 -21.33 0.16 -9.13
CA ARG A 56 -19.92 0.48 -9.40
C ARG A 56 -19.02 0.30 -8.17
N PRO A 57 -19.00 -0.92 -7.63
CA PRO A 57 -18.19 -1.18 -6.44
C PRO A 57 -16.71 -1.03 -6.73
N TRP A 58 -15.93 -0.74 -5.70
CA TRP A 58 -14.48 -0.65 -5.90
C TRP A 58 -13.98 -1.98 -6.49
N TRP A 59 -14.57 -3.09 -6.08
CA TRP A 59 -14.02 -4.38 -6.47
C TRP A 59 -14.30 -4.77 -7.93
N GLU A 60 -15.07 -3.96 -8.66
CA GLU A 60 -15.23 -4.24 -10.10
C GLU A 60 -13.89 -4.17 -10.82
N ARG A 61 -12.95 -3.37 -10.29
CA ARG A 61 -11.68 -3.18 -10.93
C ARG A 61 -10.78 -4.40 -10.81
N TYR A 62 -11.21 -5.39 -10.05
CA TYR A 62 -10.48 -6.64 -9.93
C TYR A 62 -11.10 -7.74 -10.77
N GLN A 63 -11.92 -7.33 -11.74
CA GLN A 63 -12.51 -8.25 -12.72
C GLN A 63 -12.22 -7.78 -14.15
N PRO A 64 -11.05 -8.19 -14.70
CA PRO A 64 -10.67 -7.70 -16.02
C PRO A 64 -11.56 -8.20 -17.15
N VAL A 65 -11.68 -7.34 -18.16
CA VAL A 65 -12.35 -7.60 -19.44
C VAL A 65 -11.31 -7.59 -20.59
N SER A 66 -10.30 -6.74 -20.49
CA SER A 66 -9.24 -6.70 -21.49
C SER A 66 -8.03 -6.01 -20.88
N TYR A 67 -6.98 -5.80 -21.68
CA TYR A 67 -5.81 -5.07 -21.23
C TYR A 67 -5.76 -3.67 -21.85
N LYS A 68 -6.87 -3.20 -22.41
CA LYS A 68 -6.93 -1.80 -22.85
C LYS A 68 -6.81 -0.91 -21.62
N LEU A 69 -6.08 0.19 -21.73
CA LEU A 69 -5.84 1.09 -20.60
C LEU A 69 -6.98 2.11 -20.51
N CYS A 70 -8.14 1.63 -20.15
CA CYS A 70 -9.37 2.37 -20.33
C CYS A 70 -10.30 2.02 -19.18
N THR A 71 -10.37 2.92 -18.19
CA THR A 71 -11.06 2.66 -16.92
C THR A 71 -11.74 3.96 -16.44
N ARG A 72 -12.40 3.85 -15.29
CA ARG A 72 -13.01 5.03 -14.69
C ARG A 72 -11.94 6.05 -14.24
N SER A 73 -10.69 5.60 -14.09
CA SER A 73 -9.62 6.56 -13.80
C SER A 73 -9.16 7.38 -15.01
N GLY A 74 -9.39 6.86 -16.21
CA GLY A 74 -9.07 7.56 -17.44
C GLY A 74 -8.69 6.60 -18.53
N ASN A 75 -8.40 7.20 -19.67
CA ASN A 75 -8.03 6.45 -20.86
C ASN A 75 -6.51 6.37 -21.02
N GLU A 76 -6.06 5.81 -22.14
CA GLU A 76 -4.64 5.55 -22.30
C GLU A 76 -3.84 6.84 -22.36
N ASP A 77 -4.37 7.84 -23.07
CA ASP A 77 -3.73 9.15 -23.15
C ASP A 77 -3.50 9.72 -21.75
N GLU A 78 -4.55 9.66 -20.94
CA GLU A 78 -4.48 10.19 -19.59
C GLU A 78 -3.52 9.41 -18.69
N PHE A 79 -3.51 8.08 -18.85
CA PHE A 79 -2.58 7.24 -18.13
C PHE A 79 -1.13 7.59 -18.48
N ARG A 80 -0.86 7.69 -19.80
CA ARG A 80 0.48 8.05 -20.28
C ARG A 80 0.91 9.43 -19.78
N ASN A 81 -0.01 10.38 -19.83
CA ASN A 81 0.23 11.74 -19.35
C ASN A 81 0.65 11.74 -17.88
N MET A 82 -0.05 10.93 -17.10
CA MET A 82 0.24 10.84 -15.67
C MET A 82 1.62 10.24 -15.42
N VAL A 83 1.94 9.13 -16.08
CA VAL A 83 3.23 8.49 -15.84
C VAL A 83 4.37 9.41 -16.23
N THR A 84 4.23 10.05 -17.39
CA THR A 84 5.24 10.98 -17.85
C THR A 84 5.45 12.14 -16.87
N ARG A 85 4.34 12.76 -16.49
CA ARG A 85 4.41 13.94 -15.61
C ARG A 85 4.96 13.58 -14.23
N CYS A 86 4.56 12.42 -13.74
CA CYS A 86 5.08 11.97 -12.45
C CYS A 86 6.58 11.63 -12.52
N ASN A 87 6.99 10.83 -13.51
CA ASN A 87 8.42 10.53 -13.65
C ASN A 87 9.25 11.80 -13.82
N ASN A 88 8.69 12.77 -14.53
CA ASN A 88 9.43 13.99 -14.81
C ASN A 88 9.69 14.83 -13.55
N VAL A 89 8.95 14.58 -12.46
CA VAL A 89 9.24 15.21 -11.17
C VAL A 89 9.77 14.20 -10.14
N GLY A 90 10.22 13.04 -10.62
CA GLY A 90 10.89 12.06 -9.79
C GLY A 90 9.98 11.24 -8.90
N VAL A 91 8.73 11.10 -9.30
CA VAL A 91 7.76 10.31 -8.55
C VAL A 91 7.31 9.15 -9.44
N ARG A 92 7.49 7.94 -8.94
CA ARG A 92 7.23 6.74 -9.74
C ARG A 92 5.79 6.24 -9.72
N ILE A 93 5.44 5.42 -10.69
CA ILE A 93 4.11 4.79 -10.77
C ILE A 93 4.27 3.28 -10.72
N TYR A 94 3.50 2.64 -9.84
CA TYR A 94 3.46 1.18 -9.71
C TYR A 94 2.06 0.72 -10.02
N VAL A 95 1.93 -0.22 -10.96
CA VAL A 95 0.63 -0.69 -11.40
C VAL A 95 0.16 -1.91 -10.65
N ASP A 96 -1.10 -1.85 -10.22
CA ASP A 96 -1.80 -2.99 -9.66
C ASP A 96 -2.20 -3.89 -10.82
N ALA A 97 -1.49 -5.01 -10.95
CA ALA A 97 -1.58 -5.92 -12.09
C ALA A 97 -2.48 -7.10 -11.72
N VAL A 98 -3.64 -7.14 -12.36
CA VAL A 98 -4.64 -8.16 -12.06
C VAL A 98 -4.52 -9.19 -13.18
N ILE A 99 -3.77 -10.25 -12.88
CA ILE A 99 -3.31 -11.21 -13.91
C ILE A 99 -3.63 -12.67 -13.58
N ASN A 100 -4.19 -12.93 -12.41
CA ASN A 100 -4.60 -14.29 -12.08
C ASN A 100 -5.86 -14.74 -12.81
N HIS A 101 -6.69 -13.77 -13.14
CA HIS A 101 -8.06 -14.05 -13.55
C HIS A 101 -8.63 -12.99 -14.45
N MET A 102 -9.77 -13.33 -15.07
CA MET A 102 -10.58 -12.32 -15.71
C MET A 102 -11.76 -12.08 -14.77
N CYS A 103 -13.00 -11.99 -15.28
CA CYS A 103 -14.12 -11.64 -14.42
C CYS A 103 -14.86 -12.86 -13.88
N GLY A 104 -15.88 -12.58 -13.07
CA GLY A 104 -16.70 -13.63 -12.50
C GLY A 104 -17.38 -14.46 -13.57
N ASN A 105 -17.44 -15.77 -13.34
CA ASN A 105 -17.95 -16.69 -14.35
C ASN A 105 -19.45 -16.51 -14.58
N ALA A 106 -20.14 -15.85 -13.64
CA ALA A 106 -21.59 -15.66 -13.74
C ALA A 106 -22.00 -14.27 -14.23
N VAL A 107 -21.02 -13.40 -14.48
CA VAL A 107 -21.31 -12.08 -15.04
C VAL A 107 -21.94 -12.22 -16.43
N SER A 108 -22.97 -11.44 -16.70
CA SER A 108 -23.68 -11.50 -17.98
C SER A 108 -22.81 -11.02 -19.13
N ALA A 109 -22.92 -11.69 -20.26
CA ALA A 109 -22.21 -11.29 -21.47
C ALA A 109 -22.75 -9.98 -22.05
N GLY A 110 -21.88 -9.23 -22.73
CA GLY A 110 -22.29 -7.99 -23.34
C GLY A 110 -21.14 -7.03 -23.34
N THR A 111 -21.45 -5.73 -23.29
CA THR A 111 -20.45 -4.68 -23.36
C THR A 111 -20.47 -3.80 -22.12
N SER A 112 -20.87 -4.39 -20.99
CA SER A 112 -20.89 -3.69 -19.72
C SER A 112 -19.47 -3.71 -19.15
N SER A 113 -18.65 -2.84 -19.71
CA SER A 113 -17.21 -2.81 -19.49
C SER A 113 -16.72 -1.38 -19.63
N THR A 114 -15.59 -1.05 -19.02
CA THR A 114 -15.21 0.34 -18.88
C THR A 114 -14.75 0.99 -20.19
N CYS A 115 -14.46 0.17 -21.21
CA CYS A 115 -14.17 0.68 -22.54
C CYS A 115 -15.17 0.18 -23.58
N GLY A 116 -16.20 -0.53 -23.13
CA GLY A 116 -17.22 -1.04 -24.04
C GLY A 116 -16.82 -2.28 -24.83
N SER A 117 -15.71 -2.92 -24.48
CA SER A 117 -15.34 -4.17 -25.14
C SER A 117 -16.36 -5.26 -24.84
N TYR A 118 -16.66 -6.10 -25.82
CA TYR A 118 -17.52 -7.26 -25.62
C TYR A 118 -16.79 -8.37 -24.87
N PHE A 119 -17.51 -9.10 -24.03
CA PHE A 119 -16.96 -10.27 -23.40
C PHE A 119 -18.12 -11.20 -23.05
N ASN A 120 -17.83 -12.49 -22.94
CA ASN A 120 -18.86 -13.47 -22.63
C ASN A 120 -18.27 -14.47 -21.66
N PRO A 121 -18.43 -14.22 -20.36
CA PRO A 121 -17.81 -15.10 -19.37
C PRO A 121 -18.26 -16.55 -19.46
N GLY A 122 -19.53 -16.75 -19.81
CA GLY A 122 -20.11 -18.08 -19.89
C GLY A 122 -19.47 -18.95 -20.96
N SER A 123 -19.10 -18.33 -22.08
CA SER A 123 -18.43 -19.04 -23.16
C SER A 123 -16.90 -18.85 -23.11
N ARG A 124 -16.43 -18.15 -22.08
CA ARG A 124 -15.00 -17.93 -21.86
C ARG A 124 -14.37 -17.08 -22.95
N ASP A 125 -15.16 -16.18 -23.56
CA ASP A 125 -14.74 -15.40 -24.72
C ASP A 125 -14.43 -13.94 -24.34
N PHE A 126 -13.16 -13.54 -24.44
CA PHE A 126 -12.75 -12.17 -24.17
C PHE A 126 -12.01 -11.70 -25.42
N PRO A 127 -12.75 -11.31 -26.47
CA PRO A 127 -12.12 -11.10 -27.78
C PRO A 127 -11.23 -9.87 -27.84
N ALA A 128 -11.31 -8.98 -26.86
CA ALA A 128 -10.45 -7.80 -26.86
C ALA A 128 -9.02 -8.13 -26.44
N VAL A 129 -8.78 -9.33 -25.91
CA VAL A 129 -7.43 -9.74 -25.53
C VAL A 129 -6.60 -10.24 -26.74
N PRO A 130 -7.01 -11.34 -27.40
CA PRO A 130 -8.12 -12.24 -27.13
C PRO A 130 -7.78 -13.44 -26.24
N TYR A 131 -8.76 -13.83 -25.43
CA TYR A 131 -8.76 -15.11 -24.75
C TYR A 131 -10.00 -15.91 -25.15
N SER A 132 -9.87 -17.23 -25.13
CA SER A 132 -10.98 -18.17 -25.31
C SER A 132 -10.99 -19.23 -24.20
N GLY A 133 -11.91 -20.19 -24.29
CA GLY A 133 -11.95 -21.29 -23.34
C GLY A 133 -10.65 -22.04 -23.14
N TRP A 134 -9.80 -22.03 -24.16
CA TRP A 134 -8.53 -22.74 -24.10
C TRP A 134 -7.57 -22.07 -23.12
N ASP A 135 -7.93 -20.87 -22.66
CA ASP A 135 -7.01 -20.04 -21.89
C ASP A 135 -7.33 -20.00 -20.41
N PHE A 136 -8.28 -20.83 -19.97
CA PHE A 136 -8.71 -20.87 -18.58
C PHE A 136 -8.51 -22.26 -18.00
N ASN A 137 -8.58 -22.34 -16.68
CA ASN A 137 -8.23 -23.55 -15.93
C ASN A 137 -9.39 -24.51 -15.66
N ASP A 138 -10.49 -24.38 -16.39
CA ASP A 138 -11.66 -25.25 -16.20
C ASP A 138 -11.30 -26.73 -16.10
N GLY A 139 -10.45 -27.19 -17.00
CA GLY A 139 -10.05 -28.59 -17.02
C GLY A 139 -9.09 -29.00 -15.92
N LYS A 140 -8.26 -28.07 -15.47
CA LYS A 140 -7.19 -28.37 -14.52
C LYS A 140 -7.69 -28.42 -13.07
N CYS A 141 -8.65 -27.56 -12.76
CA CYS A 141 -9.23 -27.52 -11.43
C CYS A 141 -9.97 -28.82 -11.12
N LYS A 142 -9.79 -29.34 -9.92
CA LYS A 142 -10.34 -30.65 -9.54
C LYS A 142 -11.50 -30.58 -8.56
N THR A 143 -11.89 -29.39 -8.11
CA THR A 143 -13.00 -29.29 -7.17
C THR A 143 -14.33 -29.52 -7.88
N GLY A 144 -15.34 -29.92 -7.12
CA GLY A 144 -16.65 -30.14 -7.65
C GLY A 144 -17.28 -28.89 -8.22
N SER A 145 -17.08 -27.77 -7.52
CA SER A 145 -17.72 -26.51 -7.88
C SER A 145 -16.97 -25.74 -8.96
N GLY A 146 -15.70 -26.07 -9.13
CA GLY A 146 -14.83 -25.30 -10.01
C GLY A 146 -14.23 -24.08 -9.31
N ASP A 147 -14.66 -23.85 -8.08
CA ASP A 147 -14.14 -22.73 -7.27
C ASP A 147 -13.17 -23.28 -6.22
N ILE A 148 -12.40 -22.39 -5.62
CA ILE A 148 -11.56 -22.76 -4.49
C ILE A 148 -12.47 -23.06 -3.28
N GLU A 149 -12.29 -24.24 -2.70
CA GLU A 149 -13.11 -24.72 -1.59
C GLU A 149 -12.31 -24.85 -0.31
N ASN A 150 -11.03 -25.18 -0.46
CA ASN A 150 -10.20 -25.58 0.67
C ASN A 150 -8.79 -25.02 0.56
N TYR A 151 -8.44 -24.03 1.39
CA TYR A 151 -7.09 -23.45 1.36
C TYR A 151 -6.02 -24.35 1.95
N ASN A 152 -6.40 -25.51 2.49
CA ASN A 152 -5.42 -26.51 2.91
C ASN A 152 -4.86 -27.28 1.71
N ASP A 153 -5.52 -27.14 0.56
CA ASP A 153 -5.04 -27.76 -0.67
C ASP A 153 -4.40 -26.69 -1.57
N ALA A 154 -3.07 -26.62 -1.54
CA ALA A 154 -2.35 -25.58 -2.25
C ALA A 154 -2.54 -25.66 -3.76
N THR A 155 -2.89 -26.83 -4.29
CA THR A 155 -3.10 -26.96 -5.72
C THR A 155 -4.38 -26.27 -6.16
N GLN A 156 -5.49 -26.53 -5.49
CA GLN A 156 -6.73 -25.92 -5.90
C GLN A 156 -6.73 -24.40 -5.67
N VAL A 157 -5.96 -23.92 -4.69
CA VAL A 157 -5.85 -22.49 -4.46
C VAL A 157 -5.27 -21.80 -5.71
N ARG A 158 -4.40 -22.50 -6.42
CA ARG A 158 -3.81 -21.99 -7.66
C ARG A 158 -4.62 -22.28 -8.92
N ASP A 159 -5.30 -23.42 -8.98
CA ASP A 159 -5.86 -23.87 -10.26
C ASP A 159 -7.36 -23.66 -10.38
N CYS A 160 -8.02 -23.35 -9.27
CA CYS A 160 -9.48 -23.18 -9.26
C CYS A 160 -9.86 -21.71 -9.12
N ARG A 161 -11.15 -21.42 -9.29
CA ARG A 161 -11.61 -20.05 -9.34
C ARG A 161 -11.74 -19.41 -7.97
N LEU A 162 -11.00 -18.33 -7.75
CA LEU A 162 -11.17 -17.51 -6.57
C LEU A 162 -12.54 -16.84 -6.59
N THR A 163 -13.41 -17.29 -5.69
CA THR A 163 -14.82 -16.86 -5.63
C THR A 163 -15.45 -16.68 -7.02
N GLY A 164 -15.22 -17.67 -7.87
CA GLY A 164 -15.86 -17.73 -9.17
C GLY A 164 -15.20 -16.91 -10.27
N LEU A 165 -14.08 -16.26 -9.97
CA LEU A 165 -13.36 -15.51 -11.00
C LEU A 165 -12.65 -16.46 -11.94
N LEU A 166 -12.92 -16.25 -13.23
CA LEU A 166 -12.36 -17.14 -14.25
C LEU A 166 -10.84 -17.14 -14.16
N ASP A 167 -10.28 -18.33 -13.98
CA ASP A 167 -8.89 -18.49 -13.60
C ASP A 167 -8.03 -18.76 -14.84
N LEU A 168 -7.15 -17.82 -15.13
CA LEU A 168 -6.32 -17.93 -16.33
C LEU A 168 -5.34 -19.08 -16.27
N ALA A 169 -5.14 -19.72 -17.43
CA ALA A 169 -4.21 -20.83 -17.54
C ALA A 169 -2.79 -20.33 -17.71
N LEU A 170 -2.19 -19.93 -16.59
CA LEU A 170 -0.92 -19.21 -16.58
C LEU A 170 0.29 -20.07 -16.92
N GLU A 171 0.09 -21.37 -17.11
CA GLU A 171 1.16 -22.24 -17.55
CA GLU A 171 1.16 -22.24 -17.55
C GLU A 171 1.36 -22.13 -19.06
N LYS A 172 0.36 -21.60 -19.75
CA LYS A 172 0.42 -21.54 -21.21
C LYS A 172 1.25 -20.39 -21.70
N ASP A 173 2.16 -20.65 -22.64
CA ASP A 173 2.97 -19.57 -23.17
C ASP A 173 2.11 -18.46 -23.82
N TYR A 174 1.01 -18.83 -24.46
CA TYR A 174 0.14 -17.83 -25.06
C TYR A 174 -0.37 -16.83 -24.00
N VAL A 175 -0.87 -17.36 -22.89
CA VAL A 175 -1.44 -16.53 -21.84
C VAL A 175 -0.34 -15.72 -21.15
N ARG A 176 0.80 -16.35 -20.87
CA ARG A 176 1.92 -15.64 -20.31
C ARG A 176 2.34 -14.48 -21.21
N SER A 177 2.27 -14.72 -22.52
CA SER A 177 2.67 -13.71 -23.49
C SER A 177 1.71 -12.54 -23.58
N LYS A 178 0.40 -12.81 -23.51
CA LYS A 178 -0.59 -11.73 -23.50
C LYS A 178 -0.46 -10.86 -22.24
N ILE A 179 -0.20 -11.50 -21.10
CA ILE A 179 0.01 -10.77 -19.87
C ILE A 179 1.30 -9.92 -19.96
N ALA A 180 2.38 -10.54 -20.48
CA ALA A 180 3.62 -9.80 -20.67
C ALA A 180 3.47 -8.62 -21.65
N GLU A 181 2.64 -8.80 -22.68
CA GLU A 181 2.38 -7.73 -23.64
C GLU A 181 1.77 -6.51 -22.94
N TYR A 182 0.78 -6.79 -22.09
CA TYR A 182 0.16 -5.78 -21.24
C TYR A 182 1.18 -5.09 -20.32
N MET A 183 1.95 -5.90 -19.61
CA MET A 183 2.94 -5.36 -18.69
C MET A 183 4.06 -4.58 -19.40
N ASN A 184 4.48 -5.01 -20.59
CA ASN A 184 5.49 -4.29 -21.35
C ASN A 184 4.98 -2.98 -21.94
N HIS A 185 3.68 -2.94 -22.27
CA HIS A 185 3.03 -1.70 -22.66
C HIS A 185 3.21 -0.67 -21.53
N LEU A 186 2.93 -1.11 -20.30
CA LEU A 186 3.04 -0.26 -19.11
C LEU A 186 4.47 0.15 -18.79
N ILE A 187 5.40 -0.81 -18.84
CA ILE A 187 6.82 -0.51 -18.62
C ILE A 187 7.29 0.55 -19.61
N ASP A 188 6.93 0.39 -20.87
CA ASP A 188 7.49 1.30 -21.87
C ASP A 188 6.89 2.70 -21.71
N ILE A 189 5.64 2.78 -21.25
CA ILE A 189 5.04 4.06 -20.88
C ILE A 189 5.83 4.76 -19.75
N GLY A 190 6.38 3.96 -18.85
CA GLY A 190 7.29 4.45 -17.84
C GLY A 190 7.04 3.94 -16.44
N VAL A 191 6.24 2.90 -16.26
CA VAL A 191 5.95 2.44 -14.90
C VAL A 191 7.20 1.80 -14.32
N ALA A 192 7.35 1.94 -13.01
CA ALA A 192 8.56 1.49 -12.32
C ALA A 192 8.43 0.08 -11.75
N GLY A 193 7.21 -0.45 -11.70
CA GLY A 193 6.99 -1.77 -11.15
C GLY A 193 5.54 -2.08 -10.96
N PHE A 194 5.27 -3.18 -10.29
CA PHE A 194 3.93 -3.76 -10.21
C PHE A 194 3.67 -4.36 -8.85
N ARG A 195 2.42 -4.18 -8.39
CA ARG A 195 1.79 -5.05 -7.40
C ARG A 195 1.18 -6.22 -8.18
N LEU A 196 1.54 -7.46 -7.85
CA LEU A 196 0.91 -8.62 -8.46
C LEU A 196 -0.23 -9.09 -7.57
N ASP A 197 -1.42 -8.72 -7.99
CA ASP A 197 -2.65 -9.03 -7.29
C ASP A 197 -2.85 -10.55 -7.20
N ALA A 198 -3.35 -11.01 -6.06
CA ALA A 198 -3.74 -12.41 -5.88
C ALA A 198 -2.60 -13.38 -6.22
N SER A 199 -1.39 -13.04 -5.78
CA SER A 199 -0.26 -13.89 -6.08
C SER A 199 -0.33 -15.25 -5.42
N LYS A 200 -1.02 -15.35 -4.29
CA LYS A 200 -1.17 -16.66 -3.63
C LYS A 200 -1.89 -17.64 -4.59
N HIS A 201 -2.67 -17.08 -5.50
CA HIS A 201 -3.50 -17.87 -6.40
C HIS A 201 -2.80 -18.21 -7.70
N MET A 202 -1.53 -17.85 -7.78
CA MET A 202 -0.67 -18.18 -8.91
C MET A 202 0.54 -19.00 -8.46
N TRP A 203 0.99 -19.93 -9.30
CA TRP A 203 2.22 -20.68 -9.03
C TRP A 203 3.41 -19.74 -9.12
N PRO A 204 4.35 -19.84 -8.17
CA PRO A 204 5.56 -19.03 -8.27
C PRO A 204 6.26 -19.15 -9.62
N GLY A 205 6.23 -20.34 -10.23
CA GLY A 205 6.92 -20.55 -11.49
C GLY A 205 6.17 -19.99 -12.68
N ASP A 206 4.85 -19.84 -12.60
CA ASP A 206 4.12 -19.17 -13.67
C ASP A 206 4.39 -17.65 -13.62
N ILE A 207 4.38 -17.09 -12.42
CA ILE A 207 4.78 -15.69 -12.26
C ILE A 207 6.19 -15.47 -12.85
N LYS A 208 7.13 -16.36 -12.49
CA LYS A 208 8.49 -16.29 -13.05
C LYS A 208 8.48 -16.24 -14.57
N ALA A 209 7.73 -17.13 -15.19
CA ALA A 209 7.71 -17.22 -16.64
C ALA A 209 7.17 -15.97 -17.29
N ILE A 210 6.23 -15.29 -16.63
CA ILE A 210 5.72 -14.01 -17.11
C ILE A 210 6.76 -12.89 -16.95
N LEU A 211 7.38 -12.80 -15.78
CA LEU A 211 8.42 -11.79 -15.52
C LEU A 211 9.62 -11.95 -16.44
N ASP A 212 9.91 -13.19 -16.82
CA ASP A 212 10.98 -13.47 -17.76
C ASP A 212 10.82 -12.77 -19.11
N LYS A 213 9.58 -12.47 -19.48
CA LYS A 213 9.25 -11.86 -20.76
C LYS A 213 9.28 -10.34 -20.74
N LEU A 214 9.58 -9.73 -19.60
CA LEU A 214 9.45 -8.29 -19.49
C LEU A 214 10.67 -7.49 -19.92
N HIS A 215 10.39 -6.31 -20.42
CA HIS A 215 11.39 -5.34 -20.77
C HIS A 215 12.10 -4.81 -19.54
N ASN A 216 13.29 -4.25 -19.75
CA ASN A 216 13.89 -3.33 -18.80
C ASN A 216 13.12 -2.02 -18.75
N LEU A 217 13.25 -1.28 -17.65
CA LEU A 217 12.51 -0.04 -17.51
C LEU A 217 12.93 1.02 -18.53
N ASN A 218 12.05 1.99 -18.72
CA ASN A 218 12.22 3.01 -19.77
C ASN A 218 13.51 3.76 -19.55
N SER A 219 14.38 3.72 -20.56
CA SER A 219 15.73 4.26 -20.41
C SER A 219 15.84 5.79 -20.43
N ASN A 220 14.72 6.50 -20.61
CA ASN A 220 14.71 7.95 -20.42
C ASN A 220 14.76 8.36 -18.97
N TRP A 221 14.22 7.51 -18.11
CA TRP A 221 14.12 7.82 -16.69
C TRP A 221 14.93 6.93 -15.78
N PHE A 222 15.23 5.72 -16.26
CA PHE A 222 15.85 4.72 -15.40
C PHE A 222 17.19 4.30 -16.01
N PRO A 223 18.18 4.00 -15.16
CA PRO A 223 19.45 3.54 -15.72
C PRO A 223 19.30 2.25 -16.50
N ALA A 224 20.22 2.01 -17.43
CA ALA A 224 20.13 0.83 -18.30
C ALA A 224 20.14 -0.46 -17.49
N GLY A 225 19.34 -1.43 -17.91
CA GLY A 225 19.25 -2.70 -17.21
C GLY A 225 18.41 -2.69 -15.94
N SER A 226 17.61 -1.64 -15.73
CA SER A 226 16.76 -1.58 -14.55
C SER A 226 15.61 -2.53 -14.72
N LYS A 227 15.26 -3.21 -13.64
CA LYS A 227 14.17 -4.19 -13.67
C LYS A 227 12.98 -3.65 -12.89
N PRO A 228 11.77 -3.99 -13.32
CA PRO A 228 10.60 -3.56 -12.57
C PRO A 228 10.60 -4.07 -11.13
N PHE A 229 10.25 -3.20 -10.19
CA PHE A 229 9.97 -3.57 -8.81
C PHE A 229 8.76 -4.45 -8.81
N ILE A 230 8.87 -5.56 -8.13
CA ILE A 230 7.77 -6.51 -8.03
C ILE A 230 7.43 -6.71 -6.58
N TYR A 231 6.18 -6.44 -6.21
CA TYR A 231 5.67 -6.86 -4.91
C TYR A 231 4.41 -7.68 -5.10
N GLN A 232 4.48 -8.90 -4.59
CA GLN A 232 3.41 -9.88 -4.77
C GLN A 232 2.47 -9.83 -3.59
N GLU A 233 1.18 -9.69 -3.87
CA GLU A 233 0.18 -9.77 -2.81
C GLU A 233 -0.02 -11.22 -2.44
N VAL A 234 0.64 -11.61 -1.35
CA VAL A 234 0.44 -12.93 -0.75
C VAL A 234 -0.03 -12.71 0.66
N ILE A 235 -1.23 -13.19 0.97
CA ILE A 235 -1.78 -13.06 2.31
C ILE A 235 -1.43 -14.32 3.09
N ASP A 236 -0.40 -14.21 3.93
CA ASP A 236 0.11 -15.35 4.67
C ASP A 236 0.24 -14.98 6.14
N LEU A 237 -0.75 -15.38 6.93
CA LEU A 237 -0.72 -15.09 8.37
C LEU A 237 -0.19 -16.27 9.17
N GLY A 238 0.36 -17.25 8.47
CA GLY A 238 0.89 -18.47 9.10
C GLY A 238 -0.11 -19.60 9.03
N GLY A 239 0.36 -20.83 9.23
CA GLY A 239 -0.54 -21.96 9.35
C GLY A 239 -0.99 -22.62 8.05
N GLU A 240 -1.04 -21.85 6.96
CA GLU A 240 -1.48 -22.39 5.67
C GLU A 240 -0.32 -23.05 4.95
N PRO A 241 -0.62 -23.96 4.01
CA PRO A 241 0.49 -24.64 3.35
C PRO A 241 1.29 -23.69 2.45
N ILE A 242 0.64 -22.68 1.88
CA ILE A 242 1.34 -21.72 1.03
C ILE A 242 2.05 -20.69 1.91
N LYS A 243 3.35 -20.52 1.67
CA LYS A 243 4.17 -19.56 2.40
C LYS A 243 4.66 -18.46 1.48
N SER A 244 4.71 -17.24 1.97
CA SER A 244 5.11 -16.16 1.10
C SER A 244 6.56 -16.33 0.65
N SER A 245 7.38 -17.07 1.40
CA SER A 245 8.78 -17.26 1.01
C SER A 245 8.88 -18.00 -0.31
N ASP A 246 7.86 -18.73 -0.71
CA ASP A 246 7.86 -19.45 -1.99
C ASP A 246 7.93 -18.46 -3.16
N TYR A 247 7.67 -17.18 -2.87
CA TYR A 247 7.58 -16.15 -3.89
C TYR A 247 8.80 -15.24 -3.93
N PHE A 248 9.79 -15.48 -3.06
CA PHE A 248 10.94 -14.57 -2.97
C PHE A 248 11.79 -14.51 -4.26
N GLY A 249 11.78 -15.56 -5.07
CA GLY A 249 12.48 -15.55 -6.35
C GLY A 249 12.01 -14.46 -7.27
N ASN A 250 10.74 -14.08 -7.17
CA ASN A 250 10.13 -13.18 -8.12
C ASN A 250 10.16 -11.73 -7.69
N GLY A 251 10.38 -11.48 -6.40
CA GLY A 251 10.31 -10.11 -5.90
C GLY A 251 9.97 -10.06 -4.43
N ARG A 252 9.53 -8.89 -3.98
CA ARG A 252 9.07 -8.74 -2.60
C ARG A 252 7.66 -9.31 -2.46
N VAL A 253 7.23 -9.37 -1.21
CA VAL A 253 5.89 -9.82 -0.86
C VAL A 253 5.28 -8.84 0.13
N THR A 254 3.98 -8.66 0.01
CA THR A 254 3.21 -7.99 1.06
C THR A 254 3.28 -8.75 2.38
N GLU A 255 3.64 -8.05 3.45
CA GLU A 255 3.69 -8.68 4.75
C GLU A 255 2.45 -8.28 5.55
N PHE A 256 1.40 -9.09 5.41
CA PHE A 256 0.13 -8.79 6.07
C PHE A 256 0.19 -8.99 7.60
N LYS A 257 1.16 -9.74 8.10
CA LYS A 257 1.31 -9.87 9.55
C LYS A 257 1.62 -8.53 10.16
N TYR A 258 2.27 -7.65 9.40
CA TYR A 258 2.76 -6.37 9.91
C TYR A 258 1.63 -5.52 10.50
N GLY A 259 0.62 -5.22 9.70
CA GLY A 259 -0.48 -4.38 10.16
C GLY A 259 -1.39 -5.08 11.15
N ALA A 260 -1.53 -6.40 11.00
CA ALA A 260 -2.36 -7.17 11.92
C ALA A 260 -1.75 -7.07 13.30
N LYS A 261 -0.47 -7.35 13.44
CA LYS A 261 0.18 -7.27 14.75
C LYS A 261 0.29 -5.85 15.23
N LEU A 262 0.65 -4.90 14.39
CA LEU A 262 0.82 -3.54 14.86
C LEU A 262 -0.52 -2.98 15.35
N GLY A 263 -1.59 -3.29 14.64
CA GLY A 263 -2.92 -2.86 15.06
C GLY A 263 -3.25 -3.41 16.42
N THR A 264 -2.99 -4.69 16.65
CA THR A 264 -3.27 -5.27 17.95
CA THR A 264 -3.26 -5.28 17.94
C THR A 264 -2.47 -4.57 19.03
N VAL A 265 -1.21 -4.29 18.77
CA VAL A 265 -0.35 -3.64 19.74
C VAL A 265 -0.84 -2.24 20.08
N ILE A 266 -1.12 -1.44 19.06
CA ILE A 266 -1.53 -0.06 19.27
C ILE A 266 -2.90 0.04 19.96
N ARG A 267 -3.78 -0.93 19.67
CA ARG A 267 -5.08 -1.05 20.36
C ARG A 267 -4.93 -1.61 21.77
N LYS A 268 -3.75 -2.11 22.10
CA LYS A 268 -3.50 -2.73 23.41
C LYS A 268 -4.44 -3.91 23.65
N TRP A 269 -4.70 -4.65 22.58
CA TRP A 269 -5.48 -5.88 22.63
C TRP A 269 -4.60 -7.09 22.85
N ASN A 270 -5.23 -8.17 23.32
CA ASN A 270 -4.58 -9.46 23.50
C ASN A 270 -3.29 -9.37 24.31
N GLY A 271 -3.26 -8.45 25.27
CA GLY A 271 -2.13 -8.32 26.18
C GLY A 271 -0.91 -7.68 25.55
N GLU A 272 -1.06 -7.17 24.33
CA GLU A 272 0.08 -6.60 23.61
C GLU A 272 0.36 -5.19 24.09
N LYS A 273 1.61 -4.77 23.98
CA LYS A 273 2.08 -3.49 24.53
C LYS A 273 3.21 -2.97 23.63
N MET A 274 3.38 -1.65 23.56
CA MET A 274 4.39 -1.10 22.67
C MET A 274 5.79 -1.49 23.09
N SER A 275 5.99 -1.81 24.36
CA SER A 275 7.33 -2.19 24.79
C SER A 275 7.80 -3.46 24.11
N TYR A 276 6.87 -4.30 23.67
CA TYR A 276 7.23 -5.52 22.96
C TYR A 276 7.79 -5.25 21.56
N LEU A 277 7.67 -4.01 21.07
CA LEU A 277 8.09 -3.68 19.72
C LEU A 277 9.60 -3.52 19.60
N LYS A 278 10.32 -3.72 20.69
CA LYS A 278 11.76 -3.58 20.70
C LYS A 278 12.44 -4.46 19.62
N ASN A 279 11.93 -5.68 19.42
CA ASN A 279 12.46 -6.58 18.40
C ASN A 279 11.57 -6.69 17.16
N TRP A 280 10.82 -5.63 16.87
CA TRP A 280 9.93 -5.59 15.71
C TRP A 280 10.70 -5.96 14.44
N GLY A 281 10.08 -6.76 13.58
CA GLY A 281 10.70 -7.19 12.33
C GLY A 281 10.66 -8.68 12.27
N GLU A 282 11.74 -9.29 11.77
CA GLU A 282 11.84 -10.73 11.72
C GLU A 282 11.65 -11.41 13.07
N GLY A 283 11.95 -10.69 14.15
CA GLY A 283 11.78 -11.21 15.49
C GLY A 283 10.33 -11.55 15.79
N TRP A 284 9.41 -10.92 15.06
CA TRP A 284 8.00 -11.18 15.22
C TRP A 284 7.47 -12.24 14.22
N GLY A 285 8.39 -12.86 13.51
CA GLY A 285 8.04 -13.93 12.59
C GLY A 285 7.79 -13.45 11.16
N PHE A 286 8.13 -12.20 10.89
CA PHE A 286 7.90 -11.62 9.57
C PHE A 286 8.95 -12.06 8.56
N VAL A 287 8.68 -11.79 7.30
CA VAL A 287 9.66 -12.10 6.27
C VAL A 287 10.91 -11.24 6.43
N PRO A 288 12.02 -11.61 5.77
CA PRO A 288 13.17 -10.70 5.85
C PRO A 288 12.81 -9.29 5.40
N SER A 289 13.35 -8.30 6.09
CA SER A 289 13.09 -6.90 5.76
C SER A 289 13.23 -6.53 4.29
N ASP A 290 14.26 -7.07 3.64
CA ASP A 290 14.55 -6.79 2.23
C ASP A 290 13.58 -7.45 1.28
N ARG A 291 12.66 -8.25 1.79
CA ARG A 291 11.60 -8.81 0.93
C ARG A 291 10.19 -8.32 1.32
N ALA A 292 10.10 -7.35 2.24
CA ALA A 292 8.81 -6.92 2.74
C ALA A 292 8.35 -5.62 2.13
N LEU A 293 7.07 -5.63 1.77
CA LEU A 293 6.28 -4.44 1.48
C LEU A 293 5.30 -4.36 2.66
N VAL A 294 5.43 -3.29 3.45
CA VAL A 294 4.66 -3.14 4.68
C VAL A 294 3.72 -1.96 4.60
N PHE A 295 2.73 -2.00 5.51
CA PHE A 295 1.60 -1.09 5.48
C PHE A 295 0.79 -1.38 6.71
N VAL A 296 0.04 -0.38 7.16
CA VAL A 296 -0.84 -0.51 8.34
C VAL A 296 -2.15 -1.14 7.90
N ASP A 297 -2.73 -0.58 6.84
CA ASP A 297 -3.96 -1.11 6.24
C ASP A 297 -3.79 -1.09 4.72
N ASN A 298 -4.63 -1.87 4.04
CA ASN A 298 -4.74 -1.78 2.59
C ASN A 298 -6.17 -1.58 2.18
N HIS A 299 -6.43 -1.54 0.89
CA HIS A 299 -7.74 -1.18 0.39
C HIS A 299 -8.79 -2.23 0.76
N ASP A 300 -8.35 -3.47 0.92
N ASP A 300 -8.37 -3.48 0.93
CA ASP A 300 -9.24 -4.57 1.27
CA ASP A 300 -9.30 -4.55 1.28
C ASP A 300 -9.52 -4.59 2.77
C ASP A 300 -9.53 -4.62 2.78
N ASN A 301 -8.46 -4.72 3.56
CA ASN A 301 -8.62 -4.92 4.98
C ASN A 301 -9.04 -3.68 5.77
N GLN A 302 -9.01 -2.49 5.16
CA GLN A 302 -9.52 -1.30 5.85
C GLN A 302 -11.06 -1.35 5.92
N ARG A 303 -11.65 -2.30 5.19
CA ARG A 303 -13.08 -2.56 5.22
C ARG A 303 -13.48 -3.64 6.25
N GLY A 304 -12.51 -4.23 6.93
CA GLY A 304 -12.80 -5.07 8.09
C GLY A 304 -12.97 -6.54 7.79
N HIS A 305 -13.15 -6.90 6.52
CA HIS A 305 -13.35 -8.29 6.14
C HIS A 305 -12.03 -8.93 5.72
N GLY A 306 -10.92 -8.33 6.14
CA GLY A 306 -9.62 -8.67 5.58
C GLY A 306 -8.64 -9.38 6.49
N ALA A 307 -7.46 -9.60 5.95
CA ALA A 307 -6.36 -10.21 6.71
C ALA A 307 -6.01 -9.30 7.87
N GLY A 308 -6.31 -9.77 9.09
CA GLY A 308 -6.06 -9.01 10.30
C GLY A 308 -7.33 -8.71 11.05
N GLY A 309 -8.44 -8.89 10.34
CA GLY A 309 -9.74 -8.71 10.93
C GLY A 309 -9.90 -7.39 11.64
N ALA A 310 -10.41 -7.46 12.87
CA ALA A 310 -10.84 -6.28 13.60
C ALA A 310 -9.69 -5.44 14.13
N SER A 311 -8.49 -6.01 14.19
CA SER A 311 -7.37 -5.27 14.75
C SER A 311 -6.83 -4.19 13.79
N ILE A 312 -7.12 -4.31 12.49
CA ILE A 312 -6.58 -3.37 11.52
C ILE A 312 -7.03 -1.96 11.82
N LEU A 313 -6.06 -1.05 11.87
CA LEU A 313 -6.31 0.38 12.04
C LEU A 313 -6.42 1.10 10.71
N THR A 314 -7.34 2.03 10.64
CA THR A 314 -7.61 2.81 9.44
C THR A 314 -7.85 4.27 9.76
N PHE A 315 -8.06 5.09 8.73
CA PHE A 315 -8.39 6.50 8.94
C PHE A 315 -9.61 6.73 9.83
N TRP A 316 -10.52 5.76 9.90
CA TRP A 316 -11.67 5.88 10.79
C TRP A 316 -11.23 5.96 12.26
N ASP A 317 -10.09 5.35 12.57
CA ASP A 317 -9.48 5.35 13.89
C ASP A 317 -8.31 6.32 13.88
N ALA A 318 -8.54 7.56 13.47
CA ALA A 318 -7.48 8.48 13.05
C ALA A 318 -6.34 8.64 14.05
N ARG A 319 -6.67 8.80 15.32
CA ARG A 319 -5.64 9.06 16.31
C ARG A 319 -4.67 7.90 16.44
N LEU A 320 -5.20 6.70 16.63
CA LEU A 320 -4.32 5.52 16.74
C LEU A 320 -3.65 5.23 15.40
N TYR A 321 -4.35 5.52 14.31
CA TYR A 321 -3.85 5.23 12.97
C TYR A 321 -2.57 6.04 12.72
N LYS A 322 -2.57 7.30 13.06
CA LYS A 322 -1.39 8.13 12.89
C LYS A 322 -0.23 7.57 13.68
N MET A 323 -0.51 7.07 14.89
CA MET A 323 0.56 6.52 15.70
CA MET A 323 0.55 6.50 15.72
C MET A 323 1.15 5.25 15.07
N ALA A 324 0.28 4.38 14.58
CA ALA A 324 0.76 3.16 13.92
C ALA A 324 1.55 3.49 12.67
N VAL A 325 1.05 4.39 11.84
CA VAL A 325 1.75 4.80 10.63
C VAL A 325 3.07 5.46 11.01
N GLY A 326 3.11 6.23 12.08
CA GLY A 326 4.33 6.90 12.48
C GLY A 326 5.38 5.92 12.95
N PHE A 327 4.97 4.93 13.71
CA PHE A 327 5.90 3.89 14.13
C PHE A 327 6.47 3.14 12.92
N MET A 328 5.59 2.76 12.00
CA MET A 328 6.01 2.07 10.77
C MET A 328 7.04 2.91 9.98
N LEU A 329 6.74 4.18 9.77
CA LEU A 329 7.63 5.05 9.02
C LEU A 329 8.96 5.36 9.70
N ALA A 330 9.03 5.27 11.02
CA ALA A 330 10.28 5.52 11.73
C ALA A 330 11.13 4.26 11.77
N HIS A 331 10.48 3.09 11.72
CA HIS A 331 11.19 1.84 11.96
C HIS A 331 11.83 1.32 10.66
N PRO A 332 13.09 0.82 10.72
CA PRO A 332 13.74 0.45 9.46
C PRO A 332 13.19 -0.77 8.73
N TYR A 333 12.35 -1.57 9.36
CA TYR A 333 11.88 -2.79 8.71
C TYR A 333 11.03 -2.48 7.49
N GLY A 334 11.39 -3.08 6.36
CA GLY A 334 10.53 -3.12 5.17
C GLY A 334 10.56 -1.87 4.31
N PHE A 335 9.88 -1.99 3.15
CA PHE A 335 9.61 -0.86 2.28
C PHE A 335 8.16 -0.45 2.49
N THR A 336 7.97 0.82 2.84
CA THR A 336 6.70 1.31 3.34
C THR A 336 5.74 1.86 2.28
N ARG A 337 4.47 1.42 2.41
CA ARG A 337 3.36 1.93 1.60
C ARG A 337 2.35 2.58 2.55
N VAL A 338 2.02 3.83 2.22
CA VAL A 338 1.01 4.60 2.90
C VAL A 338 -0.29 4.52 2.13
N MET A 339 -1.39 4.35 2.82
CA MET A 339 -2.72 4.28 2.22
C MET A 339 -3.29 5.68 2.06
N SER A 340 -4.05 5.88 0.99
CA SER A 340 -4.83 7.08 0.82
C SER A 340 -6.20 6.64 0.31
N SER A 341 -7.22 7.05 1.08
CA SER A 341 -8.56 6.45 1.00
C SER A 341 -9.63 7.45 0.60
N TYR A 342 -10.82 6.92 0.33
CA TYR A 342 -12.04 7.73 0.33
C TYR A 342 -13.00 7.28 1.42
N ARG A 343 -13.86 8.21 1.81
CA ARG A 343 -14.90 7.90 2.79
C ARG A 343 -16.11 7.31 2.08
N TRP A 344 -16.83 6.45 2.79
CA TRP A 344 -18.06 5.89 2.27
C TRP A 344 -18.99 5.73 3.45
N PRO A 345 -20.29 5.65 3.19
CA PRO A 345 -21.22 5.60 4.33
C PRO A 345 -21.28 4.20 4.96
N ARG A 346 -20.44 3.96 5.96
CA ARG A 346 -20.42 2.70 6.67
C ARG A 346 -21.78 2.45 7.31
N GLN A 347 -22.18 1.20 7.32
CA GLN A 347 -23.40 0.81 8.02
C GLN A 347 -23.24 -0.60 8.51
N PHE A 348 -23.05 -0.73 9.82
CA PHE A 348 -22.77 -2.01 10.42
C PHE A 348 -24.04 -2.72 10.81
N GLN A 349 -24.05 -4.02 10.56
CA GLN A 349 -25.13 -4.89 10.99
C GLN A 349 -24.50 -6.19 11.43
N ASN A 350 -24.47 -6.39 12.75
CA ASN A 350 -23.80 -7.55 13.33
C ASN A 350 -22.32 -7.55 12.98
N GLY A 351 -21.69 -6.38 13.09
CA GLY A 351 -20.26 -6.25 12.86
C GLY A 351 -19.83 -6.09 11.39
N ASN A 352 -20.70 -6.46 10.45
CA ASN A 352 -20.37 -6.38 9.03
C ASN A 352 -20.84 -5.07 8.42
N ASP A 353 -19.97 -4.44 7.64
CA ASP A 353 -20.34 -3.21 6.96
C ASP A 353 -21.01 -3.56 5.64
N VAL A 354 -22.32 -3.35 5.56
CA VAL A 354 -23.08 -3.77 4.40
C VAL A 354 -22.81 -2.87 3.20
N ASN A 355 -22.14 -1.73 3.45
CA ASN A 355 -21.74 -0.80 2.38
C ASN A 355 -20.26 -0.86 2.06
N ASP A 356 -19.61 -1.95 2.43
CA ASP A 356 -18.16 -2.07 2.22
C ASP A 356 -17.83 -2.23 0.75
N TRP A 357 -18.85 -2.35 -0.09
CA TRP A 357 -18.68 -2.44 -1.54
C TRP A 357 -18.55 -1.07 -2.20
N VAL A 358 -18.99 -0.02 -1.51
CA VAL A 358 -19.16 1.28 -2.15
C VAL A 358 -17.87 1.74 -2.82
N GLY A 359 -18.00 2.19 -4.07
CA GLY A 359 -16.87 2.66 -4.87
C GLY A 359 -16.50 4.07 -4.51
N PRO A 360 -15.57 4.66 -5.26
CA PRO A 360 -15.11 6.02 -4.98
C PRO A 360 -16.22 7.05 -5.11
N PRO A 361 -16.02 8.23 -4.52
CA PRO A 361 -16.97 9.33 -4.63
C PRO A 361 -17.30 9.55 -6.10
N ASN A 362 -18.57 9.68 -6.42
CA ASN A 362 -18.96 9.70 -7.82
C ASN A 362 -20.26 10.45 -8.04
N ASN A 363 -20.38 10.97 -9.26
CA ASN A 363 -21.63 11.53 -9.75
C ASN A 363 -22.20 10.58 -10.78
N ASN A 364 -23.19 9.80 -10.35
CA ASN A 364 -23.80 8.78 -11.20
C ASN A 364 -22.77 7.90 -11.90
N GLY A 365 -21.74 7.55 -11.14
CA GLY A 365 -20.74 6.59 -11.57
C GLY A 365 -19.46 7.21 -12.14
N VAL A 366 -19.47 8.51 -12.41
CA VAL A 366 -18.28 9.22 -12.86
C VAL A 366 -17.51 9.63 -11.62
N ILE A 367 -16.25 9.20 -11.50
CA ILE A 367 -15.47 9.49 -10.29
C ILE A 367 -15.27 10.98 -10.13
N LYS A 368 -15.44 11.47 -8.90
CA LYS A 368 -15.26 12.89 -8.61
C LYS A 368 -13.79 13.30 -8.55
N GLU A 369 -13.51 14.52 -8.98
CA GLU A 369 -12.15 15.02 -8.89
C GLU A 369 -11.76 15.13 -7.43
N VAL A 370 -10.47 15.04 -7.20
CA VAL A 370 -9.92 15.39 -5.89
C VAL A 370 -9.75 16.89 -5.82
N THR A 371 -10.51 17.52 -4.95
CA THR A 371 -10.36 18.93 -4.70
C THR A 371 -9.44 19.16 -3.51
N ILE A 372 -8.68 20.25 -3.56
CA ILE A 372 -7.78 20.61 -2.46
C ILE A 372 -8.33 21.82 -1.75
N ASN A 373 -8.51 21.64 -0.45
CA ASN A 373 -9.01 22.69 0.43
C ASN A 373 -7.89 23.65 0.79
N PRO A 374 -8.24 24.87 1.19
CA PRO A 374 -7.22 25.86 1.60
C PRO A 374 -6.30 25.36 2.70
N ASP A 375 -6.75 24.42 3.54
CA ASP A 375 -5.85 23.89 4.59
C ASP A 375 -5.00 22.69 4.11
N THR A 376 -5.06 22.38 2.83
CA THR A 376 -4.31 21.27 2.17
C THR A 376 -4.93 19.89 2.37
N THR A 377 -6.08 19.81 3.02
CA THR A 377 -6.86 18.58 3.06
C THR A 377 -7.62 18.48 1.75
N CYS A 378 -8.31 17.37 1.54
CA CYS A 378 -9.03 17.13 0.30
C CYS A 378 -10.51 17.23 0.52
N GLY A 379 -11.22 17.61 -0.53
CA GLY A 379 -12.66 17.61 -0.53
C GLY A 379 -13.23 16.40 -1.27
N ASN A 380 -14.53 16.44 -1.52
CA ASN A 380 -15.26 15.41 -2.27
C ASN A 380 -15.13 14.02 -1.67
N ASP A 381 -14.95 13.95 -0.36
CA ASP A 381 -14.93 12.70 0.42
C ASP A 381 -13.66 11.87 0.22
N TRP A 382 -12.64 12.45 -0.43
CA TRP A 382 -11.31 11.86 -0.45
C TRP A 382 -10.65 12.17 0.90
N VAL A 383 -10.10 11.15 1.55
CA VAL A 383 -9.55 11.29 2.90
C VAL A 383 -8.16 11.92 2.89
N CYS A 384 -7.37 11.53 1.88
CA CYS A 384 -6.03 12.10 1.68
C CYS A 384 -5.17 11.98 2.95
N GLU A 385 -5.07 10.76 3.49
CA GLU A 385 -4.26 10.52 4.68
C GLU A 385 -2.81 10.95 4.44
N HIS A 386 -2.38 10.82 3.19
CA HIS A 386 -1.00 11.09 2.87
C HIS A 386 -0.69 12.58 2.98
N ARG A 387 -1.76 13.40 3.08
CA ARG A 387 -1.63 14.85 3.31
C ARG A 387 -1.76 15.24 4.80
N TRP A 388 -2.13 14.29 5.66
CA TRP A 388 -2.20 14.61 7.08
C TRP A 388 -0.79 14.95 7.52
N ARG A 389 -0.61 16.08 8.17
CA ARG A 389 0.73 16.52 8.57
C ARG A 389 1.53 15.42 9.24
N GLN A 390 0.90 14.70 10.14
CA GLN A 390 1.58 13.72 10.96
C GLN A 390 2.10 12.54 10.16
N ILE A 391 1.43 12.26 9.04
CA ILE A 391 1.85 11.17 8.14
C ILE A 391 2.85 11.69 7.11
N ARG A 392 2.51 12.77 6.42
CA ARG A 392 3.45 13.35 5.45
C ARG A 392 4.81 13.67 6.08
N ASN A 393 4.82 14.21 7.30
CA ASN A 393 6.07 14.52 7.94
C ASN A 393 6.84 13.29 8.36
N MET A 394 6.16 12.18 8.56
CA MET A 394 6.86 10.93 8.85
C MET A 394 7.38 10.25 7.56
N VAL A 395 6.73 10.49 6.44
CA VAL A 395 7.28 10.06 5.15
C VAL A 395 8.62 10.79 4.96
N ILE A 396 8.69 12.07 5.30
CA ILE A 396 9.92 12.83 5.18
C ILE A 396 10.95 12.34 6.22
N PHE A 397 10.52 12.06 7.44
CA PHE A 397 11.40 11.49 8.46
C PHE A 397 12.10 10.27 7.88
N ARG A 398 11.34 9.38 7.27
CA ARG A 398 11.91 8.13 6.77
C ARG A 398 12.99 8.40 5.72
N ASN A 399 12.75 9.36 4.82
CA ASN A 399 13.78 9.79 3.88
C ASN A 399 15.03 10.27 4.61
N VAL A 400 14.84 11.14 5.60
CA VAL A 400 15.96 11.79 6.26
C VAL A 400 16.87 10.80 6.98
N VAL A 401 16.27 9.76 7.55
CA VAL A 401 17.02 8.78 8.34
C VAL A 401 17.40 7.54 7.57
N ASP A 402 17.08 7.52 6.28
CA ASP A 402 17.38 6.37 5.40
C ASP A 402 18.79 5.82 5.62
N GLY A 403 18.88 4.51 5.91
CA GLY A 403 20.14 3.84 6.13
C GLY A 403 20.67 3.84 7.54
N GLN A 404 20.08 4.65 8.41
CA GLN A 404 20.59 4.77 9.77
C GLN A 404 20.07 3.64 10.64
N PRO A 405 20.89 3.16 11.57
CA PRO A 405 20.51 2.05 12.42
C PRO A 405 19.50 2.37 13.52
N PHE A 406 18.62 1.41 13.77
CA PHE A 406 17.74 1.41 14.93
C PHE A 406 18.61 1.42 16.17
N THR A 407 18.46 2.43 17.02
CA THR A 407 19.32 2.58 18.17
C THR A 407 18.63 3.40 19.27
N ASN A 408 19.26 3.48 20.45
CA ASN A 408 18.74 4.30 21.55
C ASN A 408 17.29 3.98 21.90
N TRP A 409 16.96 2.70 21.87
CA TRP A 409 15.65 2.26 22.33
C TRP A 409 15.47 2.49 23.81
N TYR A 410 14.30 3.01 24.15
CA TYR A 410 13.80 3.10 25.52
C TYR A 410 12.39 2.50 25.63
N ASP A 411 12.12 1.82 26.75
CA ASP A 411 10.73 1.49 27.10
C ASP A 411 10.54 1.48 28.61
N ASN A 412 9.29 1.69 29.02
CA ASN A 412 8.95 1.72 30.45
C ASN A 412 8.31 0.41 30.89
N GLY A 413 8.46 -0.62 30.07
CA GLY A 413 7.87 -1.92 30.36
C GLY A 413 6.39 -1.98 30.09
N SER A 414 5.85 -0.91 29.51
CA SER A 414 4.42 -0.86 29.20
C SER A 414 4.19 -0.29 27.79
N ASN A 415 3.75 0.96 27.68
CA ASN A 415 3.47 1.55 26.38
C ASN A 415 4.11 2.91 26.15
N GLN A 416 5.17 3.21 26.88
CA GLN A 416 5.95 4.43 26.64
C GLN A 416 7.29 3.97 26.10
N VAL A 417 7.56 4.31 24.84
CA VAL A 417 8.74 3.83 24.13
C VAL A 417 9.32 4.94 23.30
N ALA A 418 10.59 4.79 22.96
CA ALA A 418 11.26 5.74 22.09
C ALA A 418 12.41 5.04 21.41
N PHE A 419 12.83 5.57 20.27
CA PHE A 419 14.04 5.08 19.62
C PHE A 419 14.53 6.08 18.61
N GLY A 420 15.81 5.92 18.25
CA GLY A 420 16.45 6.72 17.23
C GLY A 420 16.83 5.93 15.99
N ARG A 421 17.17 6.70 14.97
CA ARG A 421 17.71 6.19 13.75
C ARG A 421 19.07 6.87 13.58
N GLY A 422 20.12 6.14 13.95
CA GLY A 422 21.46 6.69 14.01
C GLY A 422 21.50 8.04 14.69
N ASN A 423 22.15 9.00 14.03
CA ASN A 423 22.23 10.35 14.56
C ASN A 423 21.33 11.33 13.78
N ARG A 424 20.30 10.80 13.12
CA ARG A 424 19.50 11.59 12.17
C ARG A 424 18.04 11.79 12.58
N GLY A 425 17.51 10.94 13.47
CA GLY A 425 16.12 11.08 13.88
C GLY A 425 15.82 10.35 15.17
N PHE A 426 14.76 10.77 15.83
CA PHE A 426 14.35 10.20 17.11
C PHE A 426 12.87 10.37 17.26
N ILE A 427 12.22 9.36 17.84
CA ILE A 427 10.77 9.39 17.97
C ILE A 427 10.37 8.81 19.33
N VAL A 428 9.27 9.34 19.89
CA VAL A 428 8.83 9.04 21.25
C VAL A 428 7.33 8.86 21.24
N PHE A 429 6.86 7.77 21.83
CA PHE A 429 5.43 7.44 21.91
C PHE A 429 4.94 7.28 23.34
N ASN A 430 3.73 7.75 23.59
CA ASN A 430 3.05 7.46 24.86
C ASN A 430 1.69 6.90 24.60
N ASN A 431 1.58 5.58 24.71
CA ASN A 431 0.28 4.93 24.60
C ASN A 431 -0.18 4.31 25.93
N ASP A 432 0.29 4.86 27.04
CA ASP A 432 -0.19 4.42 28.36
C ASP A 432 -1.23 5.40 28.85
N ASP A 433 -1.86 5.02 29.97
CA ASP A 433 -2.91 5.82 30.60
C ASP A 433 -2.39 6.80 31.65
N TRP A 434 -1.14 7.21 31.53
CA TRP A 434 -0.59 8.28 32.33
C TRP A 434 0.42 9.04 31.49
N SER A 435 0.78 10.23 31.93
N SER A 435 0.86 10.18 32.00
CA SER A 435 1.61 11.11 31.15
CA SER A 435 1.78 11.05 31.27
C SER A 435 3.04 10.61 31.08
C SER A 435 3.19 10.49 31.13
N PHE A 436 3.72 11.00 30.00
N PHE A 436 3.90 11.02 30.13
CA PHE A 436 5.13 10.74 29.82
CA PHE A 436 5.26 10.59 29.76
C PHE A 436 5.86 12.04 30.06
C PHE A 436 6.17 11.82 29.80
N SER A 437 6.87 12.02 30.92
CA SER A 437 7.68 13.20 31.15
C SER A 437 9.07 12.76 31.53
N LEU A 438 10.01 12.87 30.60
CA LEU A 438 11.30 12.23 30.79
C LEU A 438 12.36 12.79 29.86
N THR A 439 13.57 12.85 30.39
CA THR A 439 14.75 13.20 29.61
C THR A 439 15.39 11.92 29.07
N LEU A 440 15.51 11.87 27.75
CA LEU A 440 16.00 10.70 27.02
C LEU A 440 17.20 11.03 26.16
N GLN A 441 18.08 10.04 25.99
CA GLN A 441 19.16 10.12 25.02
C GLN A 441 18.60 9.99 23.61
N THR A 442 18.81 11.01 22.79
CA THR A 442 18.24 11.03 21.43
C THR A 442 19.21 10.60 20.33
N GLY A 443 20.50 10.58 20.64
CA GLY A 443 21.52 10.30 19.62
C GLY A 443 21.78 11.46 18.66
N LEU A 444 21.06 12.58 18.83
CA LEU A 444 21.13 13.68 17.89
C LEU A 444 22.08 14.78 18.33
N PRO A 445 22.60 15.54 17.37
CA PRO A 445 23.40 16.73 17.66
C PRO A 445 22.61 17.75 18.48
N ALA A 446 23.30 18.47 19.36
CA ALA A 446 22.67 19.53 20.14
C ALA A 446 21.98 20.57 19.24
N GLY A 447 20.84 21.06 19.72
CA GLY A 447 20.11 22.11 19.02
C GLY A 447 18.65 22.15 19.36
N THR A 448 17.92 23.01 18.66
CA THR A 448 16.49 23.13 18.83
C THR A 448 15.83 22.51 17.62
N TYR A 449 14.96 21.53 17.87
CA TYR A 449 14.31 20.80 16.78
C TYR A 449 12.81 21.01 16.79
N CYS A 450 12.23 21.20 15.61
CA CYS A 450 10.78 21.20 15.52
C CYS A 450 10.24 19.78 15.61
N ASP A 451 9.25 19.56 16.45
CA ASP A 451 8.50 18.33 16.44
C ASP A 451 7.65 18.32 15.19
N VAL A 452 7.87 17.35 14.31
CA VAL A 452 7.19 17.33 13.03
C VAL A 452 5.83 16.64 13.09
N ILE A 453 5.43 16.18 14.26
CA ILE A 453 4.08 15.66 14.43
C ILE A 453 3.09 16.80 14.74
N SER A 454 3.44 17.65 15.70
CA SER A 454 2.58 18.77 16.07
C SER A 454 2.70 19.97 15.14
N GLY A 455 3.77 20.08 14.37
CA GLY A 455 3.95 21.21 13.47
C GLY A 455 5.01 20.97 12.41
N ASP A 456 5.53 22.08 11.89
CA ASP A 456 6.48 22.09 10.78
C ASP A 456 7.58 23.06 11.06
N LYS A 457 8.75 22.81 10.48
CA LYS A 457 9.79 23.81 10.40
C LYS A 457 9.49 24.68 9.18
N ILE A 458 9.42 25.98 9.39
CA ILE A 458 9.20 26.94 8.31
C ILE A 458 10.30 27.98 8.49
N ASN A 459 11.24 28.05 7.56
CA ASN A 459 12.39 28.94 7.69
C ASN A 459 13.17 28.67 8.99
N GLY A 460 13.15 29.60 9.95
CA GLY A 460 13.75 29.39 11.27
C GLY A 460 12.74 29.34 12.40
N ASN A 461 11.51 28.95 12.08
CA ASN A 461 10.44 28.85 13.06
C ASN A 461 9.89 27.44 13.09
N CYS A 462 9.27 27.09 14.21
CA CYS A 462 8.50 25.86 14.31
C CYS A 462 7.07 26.28 14.51
N THR A 463 6.13 25.57 13.90
CA THR A 463 4.74 25.91 14.15
C THR A 463 4.09 25.08 15.25
N GLY A 464 4.77 24.05 15.73
CA GLY A 464 4.31 23.27 16.87
C GLY A 464 5.32 23.26 18.01
N ILE A 465 5.47 22.09 18.64
CA ILE A 465 6.35 21.87 19.77
C ILE A 465 7.81 21.98 19.32
N LYS A 466 8.64 22.56 20.19
CA LYS A 466 10.09 22.57 20.04
C LYS A 466 10.68 21.63 21.09
N ILE A 467 11.68 20.86 20.68
CA ILE A 467 12.45 19.95 21.53
C ILE A 467 13.89 20.46 21.59
N TYR A 468 14.49 20.45 22.78
CA TYR A 468 15.81 21.02 23.00
C TYR A 468 16.79 19.94 23.38
N VAL A 469 17.70 19.66 22.46
CA VAL A 469 18.68 18.59 22.63
C VAL A 469 19.97 19.22 23.12
N SER A 470 20.43 18.72 24.27
CA SER A 470 21.66 19.21 24.90
C SER A 470 22.91 18.67 24.25
N ASP A 471 24.05 19.21 24.69
CA ASP A 471 25.35 18.83 24.14
C ASP A 471 25.61 17.33 24.30
N ASP A 472 24.97 16.70 25.28
CA ASP A 472 25.17 15.27 25.49
C ASP A 472 24.15 14.40 24.76
N GLY A 473 23.29 15.05 23.98
CA GLY A 473 22.31 14.32 23.19
C GLY A 473 20.98 14.09 23.88
N LYS A 474 20.87 14.51 25.12
CA LYS A 474 19.64 14.30 25.88
C LYS A 474 18.64 15.43 25.68
N ALA A 475 17.37 15.05 25.68
CA ALA A 475 16.29 16.02 25.58
C ALA A 475 15.09 15.59 26.39
N HIS A 476 14.33 16.58 26.87
CA HIS A 476 13.12 16.30 27.61
C HIS A 476 11.94 16.21 26.66
N PHE A 477 11.09 15.22 26.93
CA PHE A 477 9.85 15.02 26.20
C PHE A 477 8.71 14.94 27.18
N SER A 478 7.62 15.65 26.86
N SER A 478 7.63 15.65 26.87
CA SER A 478 6.43 15.63 27.69
CA SER A 478 6.42 15.63 27.68
C SER A 478 5.22 15.32 26.81
C SER A 478 5.25 15.29 26.77
N ILE A 479 4.58 14.18 27.08
CA ILE A 479 3.42 13.75 26.30
C ILE A 479 2.31 13.30 27.22
N SER A 480 1.21 14.02 27.23
CA SER A 480 0.07 13.63 28.04
C SER A 480 -0.58 12.36 27.46
N ASN A 481 -1.11 11.48 28.29
CA ASN A 481 -1.84 10.33 27.73
C ASN A 481 -3.11 10.74 26.99
N SER A 482 -3.58 11.96 27.26
CA SER A 482 -4.77 12.48 26.59
C SER A 482 -4.42 13.27 25.33
N ALA A 483 -3.15 13.30 24.97
CA ALA A 483 -2.71 14.10 23.82
C ALA A 483 -3.46 13.71 22.55
N GLU A 484 -3.79 14.72 21.74
CA GLU A 484 -4.39 14.51 20.41
C GLU A 484 -3.53 13.57 19.58
N ASP A 485 -2.23 13.87 19.52
CA ASP A 485 -1.23 13.00 18.89
C ASP A 485 -0.18 12.64 19.95
N PRO A 486 -0.27 11.43 20.54
CA PRO A 486 0.61 11.14 21.67
C PRO A 486 1.99 10.60 21.25
N PHE A 487 2.59 11.27 20.27
CA PHE A 487 3.95 10.96 19.86
C PHE A 487 4.63 12.20 19.30
N ILE A 488 5.96 12.23 19.38
CA ILE A 488 6.78 13.35 18.99
C ILE A 488 7.89 12.78 18.11
N ALA A 489 8.25 13.49 17.03
CA ALA A 489 9.34 13.05 16.16
C ALA A 489 10.17 14.24 15.73
N ILE A 490 11.49 14.09 15.81
CA ILE A 490 12.41 15.13 15.38
C ILE A 490 13.50 14.51 14.51
N HIS A 491 14.09 15.30 13.62
CA HIS A 491 15.14 14.78 12.73
C HIS A 491 16.06 15.89 12.27
N ALA A 492 17.13 15.49 11.58
CA ALA A 492 18.16 16.42 11.15
C ALA A 492 17.61 17.60 10.37
N GLU A 493 16.58 17.38 9.55
CA GLU A 493 16.05 18.46 8.72
C GLU A 493 14.94 19.25 9.40
N SER A 494 14.64 18.92 10.65
CA SER A 494 13.70 19.74 11.45
C SER A 494 14.44 20.59 12.48
N LYS A 495 15.77 20.52 12.47
CA LYS A 495 16.62 21.29 13.38
C LYS A 495 16.69 22.75 12.93
N LEU A 496 16.47 23.68 13.84
CA LEU A 496 16.59 25.10 13.50
C LEU A 496 18.04 25.51 13.33
C01 5J7 B . -9.15 -12.42 0.12
C02 5J7 B . -8.41 -13.11 1.07
O03 5J7 B . -8.54 -12.77 2.43
C05 5J7 B . -7.56 -14.13 0.69
O06 5J7 B . -6.81 -14.82 1.70
C08 5J7 B . -7.41 -14.47 -0.66
O09 5J7 B . -6.55 -15.46 -1.03
C11 5J7 B . -8.14 -13.77 -1.63
C12 5J7 B . -9.01 -12.78 -1.24
C13 5J7 B . -9.79 -12.00 -2.32
O14 5J7 B . -8.89 -11.62 -3.36
C15 5J7 B . -9.53 -11.06 -4.58
C16 5J7 B . -8.65 -10.56 -5.55
C17 5J7 B . -9.20 -10.03 -6.73
O18 5J7 B . -8.34 -9.54 -7.69
C20 5J7 B . -10.62 -9.97 -6.94
C21 5J7 B . -11.46 -10.47 -5.94
O22 5J7 B . -12.90 -10.43 -6.14
C24 5J7 B . -10.94 -11.03 -4.74
C25 5J7 B . -11.83 -11.57 -3.70
O26 5J7 B . -13.06 -11.58 -3.86
C27 5J7 B . -11.24 -12.09 -2.50
O28 5J7 B . -11.98 -12.92 -1.59
C29 5J7 B . -13.03 -12.27 -1.00
O30 5J7 B . -12.71 -11.98 0.39
C31 5J7 B . -12.54 -13.23 1.16
C32 5J7 B . -12.31 -12.86 2.57
C33 5J7 B . -13.76 -14.13 1.01
O34 5J7 B . -13.54 -15.36 1.72
C36 5J7 B . -14.00 -14.46 -0.40
O37 5J7 B . -15.23 -15.23 -0.49
C39 5J7 B . -14.19 -13.22 -1.18
O40 5J7 B . -15.43 -12.65 -0.67
C41 5J7 B . -16.30 -12.17 -1.67
O42 5J7 B . -15.97 -10.74 -1.84
C43 5J7 B . -17.73 -12.37 -1.23
O44 5J7 B . -18.00 -13.79 -1.37
C46 5J7 B . -18.71 -11.58 -2.06
O47 5J7 B . -19.97 -11.55 -1.39
C49 5J7 B . -18.28 -10.17 -2.28
O50 5J7 B . -19.16 -9.58 -3.23
C52 5J7 B . -16.86 -10.09 -2.81
C53 5J7 B . -16.50 -8.66 -3.01
O54 5J7 B . -15.14 -8.60 -3.59
C55 5J7 B . -14.13 -8.38 -2.59
O56 5J7 B . -14.33 -8.37 -1.39
C57 5J7 B . -12.71 -8.19 -3.19
C58 5J7 B . -11.65 -8.23 -2.31
C59 5J7 B . -10.21 -8.04 -2.84
C60 5J7 B . -9.25 -8.54 -2.01
C61 5J7 B . -7.92 -8.41 -2.41
O62 5J7 B . -6.90 -8.90 -1.60
C64 5J7 B . -7.62 -7.81 -3.60
O65 5J7 B . -6.26 -7.72 -3.95
C67 5J7 B . -8.62 -7.30 -4.44
C68 5J7 B . -9.95 -7.43 -4.05
H011 5J7 B . -9.75 -11.70 0.39
H04 5J7 B . -7.83 -12.31 2.69
H07 5J7 B . -7.24 -15.57 1.92
H10 5J7 B . -5.72 -15.17 -0.95
H111 5J7 B . -8.06 -14.00 -2.58
H161 5J7 B . -7.68 -10.60 -5.41
H19 5J7 B . -7.64 -10.09 -7.77
H201 5J7 B . -10.98 -9.60 -7.76
H23 5J7 B . -13.07 -10.43 -7.02
H291 5J7 B . -13.21 -11.44 -1.49
H311 5J7 B . -11.75 -13.70 0.83
H322 5J7 B . -13.08 -13.14 3.10
H321 5J7 B . -12.20 -11.90 2.64
H323 5J7 B . -11.51 -13.31 2.89
H331 5J7 B . -14.54 -13.68 1.38
H35 5J7 B . -14.18 -15.46 2.35
H361 5J7 B . -13.26 -14.97 -0.77
H38 5J7 B . -15.05 -16.06 -0.76
H391 5J7 B . -14.30 -13.44 -2.12
H411 5J7 B . -16.13 -12.65 -2.51
H431 5J7 B . -17.81 -12.13 -0.30
H45 5J7 B . -18.53 -14.06 -0.71
H461 5J7 B . -18.83 -12.02 -2.92
H48 5J7 B . -20.58 -11.99 -1.87
H491 5J7 B . -18.35 -9.68 -1.44
H51 5J7 B . -19.78 -9.10 -2.81
H521 5J7 B . -16.81 -10.56 -3.67
H531 5J7 B . -16.51 -8.19 -2.15
H532 5J7 B . -17.13 -8.24 -3.62
H571 5J7 B . -12.57 -8.06 -4.14
H581 5J7 B . -11.81 -8.37 -1.36
H601 5J7 B . -9.48 -8.96 -1.17
H63 5J7 B . -6.50 -8.22 -1.18
H66 5J7 B . -6.14 -7.03 -4.50
H671 5J7 B . -8.38 -6.89 -5.29
H681 5J7 B . -10.68 -7.09 -4.61
CA CA C . -5.02 -19.16 -10.38
CL CL D . -1.80 -5.17 -1.01
#